data_3FLI
#
_entry.id   3FLI
#
_cell.length_a   66.519
_cell.length_b   66.519
_cell.length_c   125.434
_cell.angle_alpha   90.00
_cell.angle_beta   90.00
_cell.angle_gamma   90.00
#
_symmetry.space_group_name_H-M   'P 41 21 2'
#
loop_
_entity.id
_entity.type
_entity.pdbx_description
1 polymer 'Bile acid receptor'
2 non-polymer '1-methylethyl 3-[(3,4-difluorophenyl)carbonyl]-1,1-dimethyl-1,2,3,6-tetrahydroazepino[4,5-b]indole-5-carboxylate'
3 water water
#
_entity_poly.entity_id   1
_entity_poly.type   'polypeptide(L)'
_entity_poly.pdbx_seq_one_letter_code
;GSELTPDQQTLLHFIMDSYNKQRMPQEITNKILKEEFSAEENFLILTEMATNHVQVLVEFTKKLPGFQTLDHEDQIALLK
GSAVEAMFLRSAEIFNKKLPSGHSDLLEERIRNSGISDEYITPMFSFYKSIGELKMTQEEYALLTAIVILSPDRQYIKDR
EAVEKLQEPLLDVLQKLCKIHQPENPQHFACLLGRLTELRTFNHHHAEMLMSWRVNDHKFTPLLCEIWDVQ
;
_entity_poly.pdbx_strand_id   A
#
loop_
_chem_comp.id
_chem_comp.type
_chem_comp.name
_chem_comp.formula
33Y non-polymer '1-methylethyl 3-[(3,4-difluorophenyl)carbonyl]-1,1-dimethyl-1,2,3,6-tetrahydroazepino[4,5-b]indole-5-carboxylate' 'C25 H24 F2 N2 O3'
#
# COMPACT_ATOMS: atom_id res chain seq x y z
N GLU A 3 -24.05 -8.12 7.34
CA GLU A 3 -23.57 -7.29 8.49
C GLU A 3 -23.21 -5.87 8.05
N LEU A 4 -22.64 -5.68 6.86
CA LEU A 4 -22.49 -4.28 6.35
C LEU A 4 -23.86 -3.64 6.17
N THR A 5 -24.04 -2.45 6.76
CA THR A 5 -25.20 -1.62 6.42
C THR A 5 -25.20 -1.22 4.94
N PRO A 6 -26.36 -0.79 4.42
CA PRO A 6 -26.38 -0.26 3.06
C PRO A 6 -25.38 0.85 2.78
N ASP A 7 -25.22 1.79 3.72
CA ASP A 7 -24.21 2.84 3.57
C ASP A 7 -22.80 2.26 3.44
N GLN A 8 -22.49 1.28 4.31
CA GLN A 8 -21.20 0.61 4.28
C GLN A 8 -21.00 -0.19 3.00
N GLN A 9 -22.04 -0.88 2.50
CA GLN A 9 -21.93 -1.63 1.24
C GLN A 9 -21.50 -0.69 0.09
N THR A 10 -22.12 0.49 0.03
CA THR A 10 -21.80 1.43 -1.05
C THR A 10 -20.42 2.05 -0.92
N LEU A 11 -19.99 2.41 0.31
CA LEU A 11 -18.62 2.85 0.57
C LEU A 11 -17.62 1.81 0.06
N LEU A 12 -17.79 0.55 0.46
CA LEU A 12 -16.94 -0.55 -0.02
C LEU A 12 -16.91 -0.66 -1.53
N HIS A 13 -18.09 -0.62 -2.15
CA HIS A 13 -18.21 -0.74 -3.61
C HIS A 13 -17.41 0.37 -4.34
N PHE A 14 -17.60 1.63 -3.94
CA PHE A 14 -16.83 2.75 -4.52
C PHE A 14 -15.31 2.49 -4.35
N ILE A 15 -14.91 2.05 -3.15
CA ILE A 15 -13.48 1.75 -2.88
C ILE A 15 -12.96 0.64 -3.78
N MET A 16 -13.70 -0.48 -3.91
CA MET A 16 -13.26 -1.60 -4.78
C MET A 16 -13.23 -1.22 -6.29
N ASP A 17 -14.17 -0.39 -6.74
CA ASP A 17 -14.14 0.14 -8.09
C ASP A 17 -12.81 0.82 -8.39
N SER A 18 -12.34 1.61 -7.44
CA SER A 18 -11.16 2.41 -7.60
C SER A 18 -9.90 1.56 -7.34
N TYR A 19 -9.90 0.75 -6.28
CA TYR A 19 -8.86 -0.28 -6.08
C TYR A 19 -8.56 -1.18 -7.29
N ASN A 20 -9.60 -1.56 -8.00
CA ASN A 20 -9.50 -2.38 -9.19
C ASN A 20 -8.99 -1.70 -10.46
N LYS A 21 -8.54 -0.48 -10.35
CA LYS A 21 -7.94 0.21 -11.50
C LYS A 21 -6.42 0.09 -11.53
N GLN A 22 -5.83 -0.47 -10.48
CA GLN A 22 -4.40 -0.65 -10.50
C GLN A 22 -3.95 -1.79 -11.42
N ARG A 23 -2.66 -1.67 -11.77
CA ARG A 23 -1.96 -2.71 -12.52
C ARG A 23 -2.08 -4.01 -11.78
N MET A 24 -2.37 -5.08 -12.51
CA MET A 24 -2.53 -6.37 -11.91
C MET A 24 -1.16 -6.89 -11.42
N PRO A 25 -1.18 -7.76 -10.39
CA PRO A 25 0.10 -8.27 -9.83
C PRO A 25 1.04 -8.85 -10.88
N GLN A 26 0.53 -9.63 -11.85
CA GLN A 26 1.35 -10.17 -12.96
C GLN A 26 1.90 -9.14 -13.93
N GLU A 27 1.20 -8.02 -14.15
CA GLU A 27 1.80 -6.91 -14.91
C GLU A 27 3.12 -6.44 -14.29
N ILE A 28 3.18 -6.47 -12.95
CA ILE A 28 4.35 -6.00 -12.23
C ILE A 28 5.44 -7.08 -12.24
N THR A 29 4.98 -8.28 -11.94
CA THR A 29 5.78 -9.45 -11.61
C THR A 29 6.34 -10.11 -12.93
N ASN A 30 5.54 -10.19 -14.00
CA ASN A 30 6.08 -10.61 -15.34
C ASN A 30 7.28 -9.74 -15.78
N LYS A 31 7.20 -8.43 -15.54
CA LYS A 31 8.30 -7.51 -15.90
C LYS A 31 9.64 -7.83 -15.19
N ILE A 32 9.58 -8.12 -13.90
CA ILE A 32 10.79 -8.40 -13.14
C ILE A 32 11.33 -9.80 -13.44
N LEU A 33 10.46 -10.72 -13.83
CA LEU A 33 10.81 -12.14 -13.88
C LEU A 33 11.15 -12.65 -15.28
N LYS A 34 11.15 -11.74 -16.24
CA LYS A 34 11.38 -12.09 -17.64
C LYS A 34 12.77 -12.71 -17.80
N GLU A 35 12.99 -13.47 -18.88
CA GLU A 35 14.23 -14.23 -19.04
C GLU A 35 15.48 -13.35 -19.04
N GLU A 36 15.41 -12.19 -19.69
CA GLU A 36 16.54 -11.25 -19.78
C GLU A 36 16.48 -10.23 -18.65
N PHE A 37 17.47 -10.28 -17.75
CA PHE A 37 17.49 -9.45 -16.54
C PHE A 37 18.82 -8.76 -16.29
N SER A 38 18.79 -7.47 -15.97
CA SER A 38 19.96 -6.80 -15.37
C SER A 38 19.54 -5.96 -14.19
N ALA A 39 20.44 -5.82 -13.22
CA ALA A 39 20.21 -4.97 -12.05
C ALA A 39 19.88 -3.55 -12.46
N GLU A 40 20.47 -3.12 -13.57
CA GLU A 40 20.40 -1.74 -14.07
C GLU A 40 19.03 -1.42 -14.67
N GLU A 41 18.57 -2.26 -15.59
CA GLU A 41 17.23 -2.08 -16.12
C GLU A 41 16.14 -2.37 -15.07
N ASN A 42 16.42 -3.26 -14.11
CA ASN A 42 15.45 -3.58 -13.03
C ASN A 42 15.27 -2.38 -12.08
N PHE A 43 16.33 -1.63 -11.76
CA PHE A 43 16.15 -0.39 -11.01
C PHE A 43 15.30 0.67 -11.74
N LEU A 44 15.54 0.85 -13.04
CA LEU A 44 14.74 1.77 -13.85
C LEU A 44 13.32 1.24 -13.87
N ILE A 45 13.18 -0.08 -13.93
CA ILE A 45 11.87 -0.72 -13.99
C ILE A 45 11.06 -0.45 -12.70
N LEU A 46 11.72 -0.57 -11.56
CA LEU A 46 11.16 -0.25 -10.24
C LEU A 46 10.80 1.22 -10.07
N THR A 47 11.64 2.12 -10.61
CA THR A 47 11.34 3.54 -10.59
C THR A 47 10.04 3.85 -11.38
N GLU A 48 9.89 3.17 -12.52
CA GLU A 48 8.69 3.36 -13.34
C GLU A 48 7.45 2.84 -12.57
N MET A 49 7.57 1.65 -12.00
CA MET A 49 6.46 1.07 -11.22
C MET A 49 6.09 1.92 -10.01
N ALA A 50 7.06 2.54 -9.36
CA ALA A 50 6.81 3.42 -8.19
C ALA A 50 6.04 4.68 -8.64
N THR A 51 6.43 5.24 -9.78
CA THR A 51 5.76 6.39 -10.37
C THR A 51 4.30 6.09 -10.74
N ASN A 52 4.06 4.96 -11.40
CA ASN A 52 2.69 4.51 -11.70
C ASN A 52 1.94 4.27 -10.39
N HIS A 53 2.58 3.68 -9.39
CA HIS A 53 1.89 3.45 -8.08
C HIS A 53 1.41 4.79 -7.50
N VAL A 54 2.29 5.79 -7.51
CA VAL A 54 1.90 7.10 -7.01
C VAL A 54 0.79 7.75 -7.86
N GLN A 55 0.95 7.72 -9.18
CA GLN A 55 -0.08 8.21 -10.08
C GLN A 55 -1.45 7.60 -9.75
N VAL A 56 -1.50 6.28 -9.60
CA VAL A 56 -2.74 5.54 -9.32
C VAL A 56 -3.26 5.85 -7.91
N LEU A 57 -2.37 6.02 -6.95
CA LEU A 57 -2.76 6.49 -5.60
C LEU A 57 -3.38 7.89 -5.59
N VAL A 58 -2.75 8.83 -6.31
CA VAL A 58 -3.31 10.16 -6.45
C VAL A 58 -4.77 10.06 -6.91
N GLU A 59 -4.98 9.32 -8.00
CA GLU A 59 -6.30 9.11 -8.54
C GLU A 59 -7.22 8.42 -7.52
N PHE A 60 -6.70 7.43 -6.80
CA PHE A 60 -7.51 6.76 -5.72
C PHE A 60 -8.03 7.81 -4.68
N THR A 61 -7.20 8.78 -4.31
CA THR A 61 -7.66 9.82 -3.38
C THR A 61 -8.75 10.78 -3.94
N LYS A 62 -8.77 11.06 -5.24
CA LYS A 62 -9.84 11.83 -5.85
C LYS A 62 -11.19 11.14 -5.64
N LYS A 63 -11.20 9.80 -5.73
CA LYS A 63 -12.42 9.00 -5.73
C LYS A 63 -12.78 8.43 -4.36
N LEU A 64 -11.84 8.44 -3.43
CA LEU A 64 -12.06 7.90 -2.10
C LEU A 64 -13.15 8.73 -1.42
N PRO A 65 -14.32 8.12 -1.07
CA PRO A 65 -15.40 8.97 -0.60
C PRO A 65 -15.07 9.90 0.58
N GLY A 66 -15.46 11.16 0.44
CA GLY A 66 -15.13 12.17 1.45
C GLY A 66 -13.75 12.81 1.34
N PHE A 67 -12.79 12.19 0.63
CA PHE A 67 -11.42 12.73 0.68
C PHE A 67 -11.34 14.17 0.12
N GLN A 68 -12.10 14.43 -0.93
CA GLN A 68 -12.04 15.77 -1.53
C GLN A 68 -12.97 16.81 -0.82
N THR A 69 -13.61 16.44 0.30
CA THR A 69 -14.24 17.43 1.21
C THR A 69 -13.24 18.07 2.18
N LEU A 70 -12.06 17.46 2.30
CA LEU A 70 -11.01 17.98 3.14
C LEU A 70 -10.38 19.23 2.55
N ASP A 71 -9.81 20.04 3.45
CA ASP A 71 -8.92 21.13 3.15
C ASP A 71 -7.85 20.67 2.18
N HIS A 72 -7.63 21.47 1.14
CA HIS A 72 -6.78 21.03 0.00
C HIS A 72 -5.35 20.75 0.42
N GLU A 73 -4.80 21.65 1.24
CA GLU A 73 -3.47 21.46 1.78
C GLU A 73 -3.37 20.14 2.60
N ASP A 74 -4.37 19.88 3.45
CA ASP A 74 -4.42 18.61 4.20
C ASP A 74 -4.50 17.39 3.27
N GLN A 75 -5.28 17.50 2.19
CA GLN A 75 -5.33 16.44 1.21
C GLN A 75 -3.92 16.10 0.68
N ILE A 76 -3.14 17.12 0.31
CA ILE A 76 -1.82 16.86 -0.25
C ILE A 76 -0.87 16.24 0.78
N ALA A 77 -1.00 16.69 2.03
CA ALA A 77 -0.18 16.23 3.13
C ALA A 77 -0.51 14.77 3.45
N LEU A 78 -1.76 14.38 3.29
CA LEU A 78 -2.16 13.00 3.55
C LEU A 78 -1.57 12.11 2.45
N LEU A 79 -1.68 12.60 1.22
CA LEU A 79 -1.10 11.88 0.08
C LEU A 79 0.42 11.67 0.26
N LYS A 80 1.14 12.75 0.53
CA LYS A 80 2.58 12.64 0.74
C LYS A 80 2.94 11.79 1.97
N GLY A 81 2.14 11.89 3.03
CA GLY A 81 2.42 11.13 4.27
C GLY A 81 2.14 9.63 4.14
N SER A 82 1.34 9.26 3.15
CA SER A 82 0.90 7.87 2.97
C SER A 82 1.52 7.15 1.77
N ALA A 83 2.20 7.85 0.84
CA ALA A 83 2.58 7.23 -0.45
C ALA A 83 3.47 6.00 -0.27
N VAL A 84 4.47 6.13 0.59
CA VAL A 84 5.45 5.09 0.77
C VAL A 84 4.85 3.87 1.48
N GLU A 85 4.03 4.12 2.51
CA GLU A 85 3.33 3.03 3.19
C GLU A 85 2.38 2.27 2.25
N ALA A 86 1.58 3.01 1.48
CA ALA A 86 0.76 2.43 0.45
C ALA A 86 1.53 1.53 -0.53
N MET A 87 2.71 1.99 -0.96
CA MET A 87 3.53 1.23 -1.91
C MET A 87 4.00 -0.11 -1.32
N PHE A 88 4.45 -0.09 -0.06
CA PHE A 88 4.88 -1.33 0.57
C PHE A 88 3.74 -2.33 0.85
N LEU A 89 2.56 -1.82 1.21
CA LEU A 89 1.40 -2.65 1.40
C LEU A 89 0.97 -3.31 0.10
N ARG A 90 1.00 -2.55 -0.98
CA ARG A 90 0.64 -3.13 -2.28
C ARG A 90 1.68 -4.14 -2.72
N SER A 91 2.94 -3.88 -2.41
CA SER A 91 4.03 -4.84 -2.71
C SER A 91 3.84 -6.16 -1.97
N ALA A 92 3.40 -6.07 -0.71
CA ALA A 92 3.04 -7.29 0.07
C ALA A 92 1.90 -8.07 -0.62
N GLU A 93 0.84 -7.37 -1.01
CA GLU A 93 -0.25 -8.01 -1.72
C GLU A 93 0.27 -8.69 -3.01
N ILE A 94 1.05 -7.97 -3.80
CA ILE A 94 1.56 -8.49 -5.07
C ILE A 94 2.41 -9.73 -4.81
N PHE A 95 3.31 -9.62 -3.82
CA PHE A 95 4.32 -10.63 -3.58
C PHE A 95 3.71 -11.98 -3.23
N ASN A 96 2.57 -11.96 -2.53
CA ASN A 96 1.91 -13.15 -2.04
C ASN A 96 1.02 -13.85 -3.08
N LYS A 97 0.89 -13.27 -4.26
CA LYS A 97 0.16 -13.91 -5.34
C LYS A 97 1.00 -15.08 -5.94
N LYS A 98 0.36 -16.20 -6.25
CA LYS A 98 1.03 -17.38 -6.82
C LYS A 98 1.78 -17.05 -8.11
N LEU A 99 2.92 -17.67 -8.25
CA LEU A 99 3.81 -17.51 -9.37
C LEU A 99 4.24 -18.90 -9.83
N PRO A 100 4.71 -19.03 -11.07
CA PRO A 100 5.22 -20.37 -11.46
C PRO A 100 6.43 -20.87 -10.64
N SER A 101 6.74 -22.16 -10.78
CA SER A 101 7.82 -22.83 -10.03
C SER A 101 9.14 -22.06 -10.05
N GLY A 102 9.73 -21.86 -8.87
CA GLY A 102 10.98 -21.13 -8.74
C GLY A 102 10.84 -19.61 -8.76
N HIS A 103 9.66 -19.09 -9.13
CA HIS A 103 9.57 -17.67 -9.41
C HIS A 103 9.45 -16.70 -8.24
N SER A 104 8.90 -17.12 -7.11
CA SER A 104 8.88 -16.21 -5.96
C SER A 104 10.26 -16.06 -5.33
N ASP A 105 11.03 -17.16 -5.33
CA ASP A 105 12.44 -17.14 -5.00
C ASP A 105 13.20 -16.27 -5.98
N LEU A 106 12.92 -16.43 -7.27
CA LEU A 106 13.59 -15.61 -8.29
C LEU A 106 13.27 -14.12 -8.17
N LEU A 107 12.00 -13.83 -7.85
CA LEU A 107 11.53 -12.46 -7.66
C LEU A 107 12.36 -11.75 -6.56
N GLU A 108 12.43 -12.41 -5.41
CA GLU A 108 13.16 -11.91 -4.26
C GLU A 108 14.66 -11.70 -4.57
N GLU A 109 15.28 -12.67 -5.23
CA GLU A 109 16.71 -12.58 -5.61
C GLU A 109 17.01 -11.42 -6.57
N ARG A 110 16.13 -11.16 -7.52
CA ARG A 110 16.36 -10.05 -8.42
C ARG A 110 16.18 -8.70 -7.74
N ILE A 111 15.14 -8.58 -6.90
CA ILE A 111 14.95 -7.35 -6.15
C ILE A 111 16.16 -7.09 -5.22
N ARG A 112 16.68 -8.17 -4.65
CA ARG A 112 17.91 -8.15 -3.84
C ARG A 112 19.17 -7.76 -4.60
N ASN A 113 19.19 -7.94 -5.92
CA ASN A 113 20.30 -7.48 -6.76
C ASN A 113 19.81 -6.46 -7.76
N SER A 114 19.39 -5.31 -7.24
CA SER A 114 18.84 -4.22 -8.05
C SER A 114 19.46 -2.87 -7.66
N GLY A 115 20.62 -2.91 -7.00
CA GLY A 115 21.31 -1.70 -6.62
C GLY A 115 20.98 -1.19 -5.23
N ILE A 116 20.20 -1.95 -4.46
CA ILE A 116 19.88 -1.55 -3.08
C ILE A 116 20.27 -2.63 -2.06
N SER A 117 20.80 -2.16 -0.93
CA SER A 117 21.61 -3.00 -0.06
C SER A 117 20.72 -3.87 0.79
N ASP A 118 21.29 -4.97 1.27
CA ASP A 118 20.57 -5.96 2.06
C ASP A 118 19.96 -5.39 3.34
N GLU A 119 20.54 -4.28 3.81
CA GLU A 119 20.07 -3.60 5.03
C GLU A 119 18.57 -3.27 4.98
N TYR A 120 18.08 -2.96 3.78
CA TYR A 120 16.72 -2.54 3.57
C TYR A 120 15.88 -3.72 3.08
N ILE A 121 16.43 -4.47 2.12
CA ILE A 121 15.66 -5.51 1.46
C ILE A 121 15.18 -6.63 2.41
N THR A 122 16.04 -7.08 3.33
CA THR A 122 15.68 -8.19 4.22
C THR A 122 14.44 -7.95 5.11
N PRO A 123 14.42 -6.83 5.87
CA PRO A 123 13.19 -6.40 6.54
C PRO A 123 11.93 -6.40 5.65
N MET A 124 12.08 -5.95 4.43
CA MET A 124 10.93 -5.76 3.61
C MET A 124 10.35 -7.17 3.20
N PHE A 125 11.18 -8.12 2.77
CA PHE A 125 10.65 -9.46 2.47
C PHE A 125 10.13 -10.21 3.70
N SER A 126 10.70 -9.97 4.90
CA SER A 126 10.12 -10.59 6.13
C SER A 126 8.71 -10.05 6.41
N PHE A 127 8.50 -8.75 6.20
CA PHE A 127 7.19 -8.13 6.29
C PHE A 127 6.23 -8.78 5.30
N TYR A 128 6.61 -8.84 4.01
CA TYR A 128 5.70 -9.41 3.00
C TYR A 128 5.22 -10.82 3.37
N LYS A 129 6.16 -11.69 3.76
CA LYS A 129 5.81 -13.06 4.12
C LYS A 129 4.95 -13.17 5.39
N SER A 130 5.32 -12.43 6.41
CA SER A 130 4.53 -12.37 7.66
C SER A 130 3.06 -11.89 7.43
N ILE A 131 2.88 -10.72 6.80
CA ILE A 131 1.54 -10.20 6.58
C ILE A 131 0.83 -11.19 5.64
N GLY A 132 1.56 -11.81 4.71
CA GLY A 132 0.97 -12.84 3.84
C GLY A 132 0.28 -13.99 4.59
N GLU A 133 0.86 -14.39 5.73
CA GLU A 133 0.29 -15.46 6.55
C GLU A 133 -1.04 -15.07 7.17
N LEU A 134 -1.39 -13.78 7.17
CA LEU A 134 -2.69 -13.40 7.65
C LEU A 134 -3.82 -13.72 6.68
N LYS A 135 -3.48 -13.97 5.41
CA LYS A 135 -4.44 -14.38 4.40
C LYS A 135 -5.59 -13.33 4.21
N MET A 136 -5.18 -12.07 4.08
CA MET A 136 -6.08 -10.95 3.84
C MET A 136 -6.69 -11.09 2.45
N THR A 137 -7.97 -10.77 2.35
CA THR A 137 -8.63 -10.62 1.07
C THR A 137 -8.31 -9.28 0.43
N GLN A 138 -8.65 -9.15 -0.85
CA GLN A 138 -8.47 -7.93 -1.61
C GLN A 138 -9.22 -6.77 -0.94
N GLU A 139 -10.42 -7.05 -0.43
CA GLU A 139 -11.24 -6.07 0.29
C GLU A 139 -10.54 -5.53 1.56
N GLU A 140 -9.83 -6.41 2.25
CA GLU A 140 -9.08 -6.02 3.45
C GLU A 140 -7.91 -5.18 3.08
N TYR A 141 -7.16 -5.58 2.04
CA TYR A 141 -6.06 -4.73 1.54
C TYR A 141 -6.55 -3.31 1.14
N ALA A 142 -7.64 -3.27 0.38
CA ALA A 142 -8.23 -1.97 -0.04
C ALA A 142 -8.62 -1.08 1.14
N LEU A 143 -9.35 -1.63 2.08
CA LEU A 143 -9.72 -0.85 3.25
C LEU A 143 -8.55 -0.39 4.11
N LEU A 144 -7.57 -1.27 4.27
CA LEU A 144 -6.42 -0.97 5.10
C LEU A 144 -5.62 0.12 4.40
N THR A 145 -5.55 0.06 3.06
CA THR A 145 -5.00 1.18 2.31
C THR A 145 -5.68 2.53 2.55
N ALA A 146 -6.99 2.56 2.47
CA ALA A 146 -7.78 3.77 2.74
C ALA A 146 -7.53 4.36 4.11
N ILE A 147 -7.35 3.45 5.08
CA ILE A 147 -7.14 3.78 6.48
C ILE A 147 -5.78 4.38 6.65
N VAL A 148 -4.78 3.81 5.98
CA VAL A 148 -3.42 4.39 5.93
C VAL A 148 -3.47 5.84 5.40
N ILE A 149 -4.20 6.05 4.31
CA ILE A 149 -4.28 7.37 3.68
C ILE A 149 -4.98 8.39 4.61
N LEU A 150 -6.13 8.03 5.16
CA LEU A 150 -6.88 8.88 6.11
C LEU A 150 -6.39 8.74 7.56
N SER A 151 -5.08 8.96 7.76
CA SER A 151 -4.45 8.90 9.10
C SER A 151 -4.37 10.32 9.71
N PRO A 152 -5.15 10.53 10.79
CA PRO A 152 -5.30 11.89 11.31
C PRO A 152 -4.04 12.46 11.91
N ASP A 153 -3.06 11.62 12.20
CA ASP A 153 -1.85 12.06 12.90
C ASP A 153 -0.65 12.35 12.00
N ARG A 154 -0.86 12.47 10.67
CA ARG A 154 0.25 12.83 9.81
C ARG A 154 0.76 14.24 10.13
N GLN A 155 2.05 14.42 9.91
CA GLN A 155 2.67 15.72 10.03
C GLN A 155 2.00 16.73 9.09
N TYR A 156 1.82 17.94 9.63
CA TYR A 156 1.31 19.11 8.89
C TYR A 156 -0.20 19.19 8.70
N ILE A 157 -0.95 18.22 9.21
CA ILE A 157 -2.41 18.28 9.08
C ILE A 157 -2.90 19.42 9.95
N LYS A 158 -3.79 20.24 9.41
CA LYS A 158 -4.31 21.41 10.11
C LYS A 158 -5.60 21.07 10.85
N ASP A 159 -6.43 20.23 10.23
CA ASP A 159 -7.68 19.80 10.83
C ASP A 159 -7.71 18.27 10.97
N ARG A 160 -7.19 17.81 12.11
CA ARG A 160 -7.08 16.37 12.41
C ARG A 160 -8.44 15.71 12.67
N GLU A 161 -9.33 16.42 13.35
CA GLU A 161 -10.70 15.93 13.54
C GLU A 161 -11.45 15.62 12.26
N ALA A 162 -11.23 16.42 11.22
CA ALA A 162 -11.86 16.18 9.94
C ALA A 162 -11.41 14.85 9.29
N VAL A 163 -10.14 14.54 9.46
CA VAL A 163 -9.60 13.27 8.94
C VAL A 163 -10.17 12.09 9.76
N GLU A 164 -10.18 12.25 11.09
CA GLU A 164 -10.75 11.23 12.00
C GLU A 164 -12.17 10.83 11.64
N LYS A 165 -12.99 11.83 11.33
CA LYS A 165 -14.37 11.57 10.97
C LYS A 165 -14.53 10.72 9.72
N LEU A 166 -13.53 10.72 8.82
CA LEU A 166 -13.56 9.83 7.66
C LEU A 166 -12.85 8.48 7.93
N GLN A 167 -11.82 8.48 8.78
CA GLN A 167 -11.11 7.27 9.12
C GLN A 167 -11.98 6.30 9.92
N GLU A 168 -12.75 6.79 10.89
CA GLU A 168 -13.47 5.87 11.76
C GLU A 168 -14.49 4.96 11.05
N PRO A 169 -15.30 5.50 10.14
CA PRO A 169 -16.18 4.65 9.34
C PRO A 169 -15.46 3.56 8.55
N LEU A 170 -14.25 3.85 8.07
CA LEU A 170 -13.46 2.88 7.33
C LEU A 170 -12.97 1.74 8.26
N LEU A 171 -12.51 2.08 9.47
CA LEU A 171 -12.17 1.10 10.49
C LEU A 171 -13.38 0.21 10.84
N ASP A 172 -14.55 0.81 10.99
CA ASP A 172 -15.79 0.06 11.21
C ASP A 172 -16.09 -0.96 10.12
N VAL A 173 -15.95 -0.54 8.87
CA VAL A 173 -16.07 -1.47 7.74
C VAL A 173 -15.01 -2.58 7.83
N LEU A 174 -13.76 -2.22 8.10
CA LEU A 174 -12.72 -3.22 8.15
C LEU A 174 -13.02 -4.27 9.23
N GLN A 175 -13.46 -3.81 10.40
CA GLN A 175 -13.71 -4.75 11.48
C GLN A 175 -14.79 -5.76 11.09
N LYS A 176 -15.87 -5.29 10.44
CA LYS A 176 -16.90 -6.20 9.88
C LYS A 176 -16.34 -7.18 8.83
N LEU A 177 -15.53 -6.68 7.90
CA LEU A 177 -14.92 -7.52 6.89
C LEU A 177 -14.09 -8.69 7.51
N CYS A 178 -13.29 -8.36 8.53
CA CYS A 178 -12.53 -9.36 9.27
C CYS A 178 -13.44 -10.44 9.85
N LYS A 179 -14.55 -10.03 10.45
CA LYS A 179 -15.50 -11.01 11.03
C LYS A 179 -16.24 -11.82 9.95
N ILE A 180 -16.50 -11.16 8.81
CA ILE A 180 -17.15 -11.85 7.68
C ILE A 180 -16.21 -12.88 7.07
N HIS A 181 -15.01 -12.44 6.76
CA HIS A 181 -14.06 -13.26 6.00
C HIS A 181 -13.30 -14.29 6.84
N GLN A 182 -13.08 -14.01 8.13
CA GLN A 182 -12.45 -15.02 9.03
C GLN A 182 -13.28 -15.11 10.29
N PRO A 183 -14.48 -15.73 10.18
CA PRO A 183 -15.37 -15.77 11.32
C PRO A 183 -14.89 -16.59 12.52
N GLU A 184 -13.95 -17.52 12.31
CA GLU A 184 -13.40 -18.31 13.41
C GLU A 184 -12.09 -17.77 14.00
N ASN A 185 -11.75 -16.54 13.63
CA ASN A 185 -10.47 -15.91 14.02
C ASN A 185 -10.73 -14.55 14.62
N PRO A 186 -11.15 -14.54 15.89
CA PRO A 186 -11.48 -13.27 16.52
C PRO A 186 -10.33 -12.26 16.63
N GLN A 187 -9.09 -12.75 16.54
CA GLN A 187 -7.90 -11.91 16.58
C GLN A 187 -7.62 -11.10 15.30
N HIS A 188 -8.31 -11.40 14.20
CA HIS A 188 -7.89 -10.89 12.90
C HIS A 188 -7.83 -9.37 12.81
N PHE A 189 -8.86 -8.71 13.33
CA PHE A 189 -8.94 -7.25 13.20
C PHE A 189 -7.75 -6.63 13.96
N ALA A 190 -7.48 -7.08 15.19
CA ALA A 190 -6.29 -6.62 15.95
C ALA A 190 -4.99 -6.89 15.22
N CYS A 191 -4.89 -8.03 14.55
CA CYS A 191 -3.72 -8.30 13.70
C CYS A 191 -3.52 -7.18 12.66
N LEU A 192 -4.61 -6.73 12.04
CA LEU A 192 -4.47 -5.70 10.98
C LEU A 192 -4.17 -4.34 11.56
N LEU A 193 -4.68 -4.04 12.76
CA LEU A 193 -4.35 -2.78 13.47
C LEU A 193 -2.85 -2.68 13.70
N GLY A 194 -2.26 -3.80 14.10
CA GLY A 194 -0.80 -3.91 14.28
C GLY A 194 -0.01 -3.45 13.04
N ARG A 195 -0.46 -3.91 11.88
CA ARG A 195 0.23 -3.66 10.64
C ARG A 195 0.19 -2.20 10.22
N LEU A 196 -0.84 -1.49 10.65
CA LEU A 196 -0.90 -0.02 10.52
C LEU A 196 0.37 0.65 11.06
N THR A 197 0.76 0.29 12.29
CA THR A 197 1.99 0.80 12.91
C THR A 197 3.27 0.22 12.26
N GLU A 198 3.29 -1.10 12.02
CA GLU A 198 4.46 -1.69 11.41
C GLU A 198 4.79 -1.02 10.04
N LEU A 199 3.79 -0.79 9.21
CA LEU A 199 4.02 -0.06 7.95
C LEU A 199 4.82 1.24 8.12
N ARG A 200 4.61 1.95 9.23
CA ARG A 200 5.29 3.22 9.41
C ARG A 200 6.81 3.14 9.50
N THR A 201 7.31 1.97 9.91
CA THR A 201 8.75 1.77 9.97
C THR A 201 9.40 1.94 8.57
N PHE A 202 8.63 1.69 7.51
CA PHE A 202 9.14 1.83 6.17
C PHE A 202 9.44 3.27 5.77
N ASN A 203 8.81 4.25 6.42
CA ASN A 203 9.09 5.63 6.10
C ASN A 203 10.57 5.94 6.32
N HIS A 204 11.12 5.44 7.45
CA HIS A 204 12.51 5.66 7.79
C HIS A 204 13.42 4.90 6.83
N HIS A 205 13.17 3.62 6.61
CA HIS A 205 13.98 2.84 5.67
C HIS A 205 14.05 3.48 4.29
N HIS A 206 12.89 3.83 3.73
CA HIS A 206 12.85 4.47 2.40
C HIS A 206 13.65 5.79 2.35
N ALA A 207 13.49 6.61 3.38
CA ALA A 207 14.25 7.86 3.50
C ALA A 207 15.78 7.59 3.47
N GLU A 208 16.19 6.63 4.28
CA GLU A 208 17.55 6.09 4.27
C GLU A 208 17.97 5.57 2.90
N MET A 209 17.15 4.68 2.34
CA MET A 209 17.39 4.08 1.02
C MET A 209 17.60 5.12 -0.08
N LEU A 210 16.71 6.11 -0.16
CA LEU A 210 16.85 7.23 -1.10
C LEU A 210 18.13 8.02 -0.86
N MET A 211 18.43 8.26 0.41
CA MET A 211 19.64 8.95 0.79
C MET A 211 20.78 8.43 -0.06
N SER A 212 20.86 7.11 -0.23
CA SER A 212 21.78 6.48 -1.19
C SER A 212 21.13 6.34 -2.58
N PHE A 220 15.13 11.07 -10.23
CA PHE A 220 13.82 10.41 -10.25
C PHE A 220 12.86 11.19 -11.16
N THR A 221 11.67 10.64 -11.34
CA THR A 221 10.66 11.19 -12.25
C THR A 221 9.97 12.44 -11.67
N PRO A 222 9.42 13.31 -12.53
CA PRO A 222 8.72 14.47 -12.00
C PRO A 222 7.65 14.15 -10.93
N LEU A 223 6.87 13.08 -11.08
CA LEU A 223 5.85 12.78 -10.07
C LEU A 223 6.48 12.36 -8.73
N LEU A 224 7.50 11.52 -8.76
CA LEU A 224 8.19 11.10 -7.55
C LEU A 224 8.90 12.26 -6.88
N CYS A 225 9.45 13.19 -7.68
CA CYS A 225 10.00 14.42 -7.09
C CYS A 225 8.94 15.27 -6.40
N GLU A 226 7.71 15.25 -6.90
CA GLU A 226 6.62 16.02 -6.35
C GLU A 226 6.12 15.44 -5.02
N ILE A 227 6.00 14.12 -4.97
CA ILE A 227 5.37 13.40 -3.86
C ILE A 227 6.34 12.88 -2.81
N TRP A 228 7.46 12.27 -3.23
CA TRP A 228 8.51 11.88 -2.29
C TRP A 228 9.38 13.08 -1.81
N ASP A 229 9.40 14.17 -2.56
CA ASP A 229 10.30 15.28 -2.20
C ASP A 229 11.72 14.77 -1.79
N VAL A 230 12.59 14.80 -2.80
CA VAL A 230 13.81 14.03 -2.81
C VAL A 230 15.02 14.92 -2.49
F32 33Y B . 6.57 -8.37 -4.95
C24 33Y B . 7.13 -7.27 -5.31
C23 33Y B . 7.15 -6.96 -6.67
F26 33Y B . 6.63 -7.71 -7.62
C22 33Y B . 7.74 -5.83 -7.12
C21 33Y B . 8.26 -4.99 -6.18
C25 33Y B . 7.70 -6.44 -4.33
C20 33Y B . 8.22 -5.25 -4.79
C18 33Y B . 8.97 -4.40 -3.87
O19 33Y B . 9.65 -4.95 -3.04
N12 33Y B . 9.06 -3.06 -4.11
C13 33Y B . 10.01 -2.36 -3.25
C14 33Y B . 11.15 -1.49 -3.68
C27 33Y B . 11.72 -0.71 -2.47
C28 33Y B . 12.18 -2.56 -4.13
C9 33Y B . 10.65 -0.50 -4.71
C5 33Y B . 11.52 0.50 -5.24
C6 33Y B . 12.91 0.86 -5.06
C1 33Y B . 13.48 1.94 -5.75
C11 33Y B . 8.30 -2.35 -5.02
C10 33Y B . 8.23 -1.03 -5.33
C15 33Y B . 7.21 -0.57 -6.33
O17 33Y B . 5.99 -1.11 -5.93
C29 33Y B . 4.80 -1.04 -6.74
C31 33Y B . 4.72 -2.20 -7.73
C30 33Y B . 3.61 -1.12 -5.79
O16 33Y B . 7.19 0.36 -7.14
C8 33Y B . 9.28 -0.23 -5.10
N7 33Y B . 9.53 0.71 -6.13
C4 33Y B . 10.77 1.28 -6.13
C3 33Y B . 11.34 2.37 -6.86
C2 33Y B . 12.69 2.69 -6.67
#